data_9G11
#
_entry.id   9G11
#
_cell.length_a   122.221
_cell.length_b   122.221
_cell.length_c   139.091
_cell.angle_alpha   90.000
_cell.angle_beta   90.000
_cell.angle_gamma   120.000
#
_symmetry.space_group_name_H-M   'P 32 2 1'
#
loop_
_entity.id
_entity.type
_entity.pdbx_description
1 polymer 'Sugar transport protein 6'
2 non-polymer beta-D-glucopyranose
3 non-polymer 'CHOLESTEROL HEMISUCCINATE'
#
_entity_poly.entity_id   1
_entity_poly.type   'polypeptide(L)'
_entity_poly.pdbx_seq_one_letter_code
;MAVVVSNANAPAFEAKMTVYVFICVMIAAVGGLIFGYDIGISGGVSAMDDFLKEFFPAVWERKKHVHENNYCKYDNQFLQ
LFTSSLYLAALVASFVASATCSKLGRRPTMQFASIFFLIGVGLTAGAVNLVMLIIGRLFLGFGVGFGNQAVPLFLSEIAP
AQLRGGLNIVFQLMVTIGILIANIVNYFTATVHPYGWRIALGGAGIPAVILLFGSLLIIETPTSLIERNKNEEGKEALRK
IRGVDDINDEYESIVHACDIASQVKDPYRKLLKPASRPPFIIGMLLQLFQQFTGINAIMFYAPVLFQTVGFGSDAALLSA
VITGSINVLATFVGIYLVDRTGRRFLLLQSSVHMLICQLIIGIILAKDLGVTGTLGRPQALVVVIFVCVYVMGFAWSWGP
LGWLIPSETFPLETRSAGFAVAVSCNMFFTFVIAQAFLSMLCGMRSGIFFFFSGWIIVMGLFAFFFIPETKGIAIDDMRE
SVWKPHWFWKRYMLPEDDHHDIEKRNA
;
_entity_poly.pdbx_strand_id   A
#
loop_
_chem_comp.id
_chem_comp.type
_chem_comp.name
_chem_comp.formula
BGC D-saccharide, beta linking beta-D-glucopyranose 'C6 H12 O6'
Y01 non-polymer 'CHOLESTEROL HEMISUCCINATE' 'C31 H50 O4'
#
# COMPACT_ATOMS: atom_id res chain seq x y z
N MET A 17 7.67 -17.17 -19.98
CA MET A 17 7.15 -18.35 -20.67
C MET A 17 7.32 -19.62 -19.85
N THR A 18 8.47 -19.73 -19.18
CA THR A 18 8.75 -20.92 -18.40
C THR A 18 7.95 -20.91 -17.11
N VAL A 19 7.99 -22.05 -16.42
CA VAL A 19 7.19 -22.21 -15.20
C VAL A 19 7.71 -21.27 -14.12
N TYR A 20 9.03 -21.05 -14.07
CA TYR A 20 9.60 -20.19 -13.04
C TYR A 20 9.17 -18.74 -13.21
N VAL A 21 9.11 -18.25 -14.45
CA VAL A 21 8.69 -16.87 -14.69
C VAL A 21 7.23 -16.69 -14.30
N PHE A 22 6.38 -17.64 -14.66
CA PHE A 22 4.97 -17.51 -14.35
C PHE A 22 4.71 -17.71 -12.86
N ILE A 23 5.53 -18.52 -12.18
CA ILE A 23 5.45 -18.59 -10.73
C ILE A 23 5.85 -17.27 -10.10
N CYS A 24 6.88 -16.62 -10.66
CA CYS A 24 7.29 -15.31 -10.19
C CYS A 24 6.15 -14.30 -10.32
N VAL A 25 5.40 -14.36 -11.42
CA VAL A 25 4.28 -13.45 -11.59
C VAL A 25 3.14 -13.79 -10.62
N MET A 26 2.83 -15.08 -10.45
CA MET A 26 1.73 -15.49 -9.58
C MET A 26 1.98 -15.13 -8.13
N ILE A 27 3.23 -15.30 -7.66
CA ILE A 27 3.52 -14.95 -6.28
C ILE A 27 3.32 -13.45 -6.05
N ALA A 28 3.65 -12.62 -7.04
CA ALA A 28 3.43 -11.19 -6.89
C ALA A 28 1.94 -10.86 -6.88
N ALA A 29 1.16 -11.49 -7.76
CA ALA A 29 -0.27 -11.21 -7.80
C ALA A 29 -0.92 -11.59 -6.48
N VAL A 30 -0.58 -12.76 -5.94
CA VAL A 30 -1.20 -13.21 -4.70
C VAL A 30 -0.72 -12.37 -3.53
N GLY A 31 0.56 -11.95 -3.54
CA GLY A 31 1.08 -11.10 -2.49
C GLY A 31 0.50 -9.70 -2.49
N GLY A 32 0.02 -9.24 -3.65
CA GLY A 32 -0.75 -8.02 -3.66
C GLY A 32 -2.17 -8.22 -3.20
N LEU A 33 -2.75 -9.38 -3.53
CA LEU A 33 -4.12 -9.64 -3.12
C LEU A 33 -4.24 -9.70 -1.59
N ILE A 34 -3.29 -10.37 -0.94
CA ILE A 34 -3.31 -10.49 0.52
C ILE A 34 -3.16 -9.12 1.19
N PHE A 35 -2.28 -8.28 0.65
CA PHE A 35 -2.08 -6.93 1.17
C PHE A 35 -3.36 -6.11 1.05
N GLY A 36 -4.05 -6.23 -0.10
CA GLY A 36 -5.32 -5.54 -0.27
C GLY A 36 -6.38 -6.05 0.68
N TYR A 37 -6.40 -7.36 0.94
CA TYR A 37 -7.35 -7.91 1.91
C TYR A 37 -7.12 -7.34 3.29
N ASP A 38 -5.86 -7.25 3.73
CA ASP A 38 -5.58 -6.68 5.04
C ASP A 38 -5.88 -5.19 5.09
N ILE A 39 -5.85 -4.49 3.96
CA ILE A 39 -6.32 -3.10 3.98
C ILE A 39 -7.85 -3.04 4.11
N GLY A 40 -8.56 -3.90 3.39
CA GLY A 40 -10.01 -3.75 3.31
C GLY A 40 -10.81 -4.38 4.42
N ILE A 41 -10.23 -5.35 5.14
CA ILE A 41 -11.01 -6.10 6.12
C ILE A 41 -11.10 -5.38 7.47
N SER A 42 -10.10 -4.55 7.79
CA SER A 42 -10.03 -3.88 9.08
C SER A 42 -11.09 -2.80 9.22
N GLY A 43 -11.52 -2.21 8.10
CA GLY A 43 -12.60 -1.24 8.18
C GLY A 43 -13.92 -1.88 8.53
N GLY A 44 -14.27 -2.97 7.82
CA GLY A 44 -15.53 -3.62 8.07
C GLY A 44 -15.61 -4.27 9.45
N VAL A 45 -14.55 -4.95 9.86
CA VAL A 45 -14.59 -5.64 11.16
C VAL A 45 -14.75 -4.63 12.29
N SER A 46 -14.04 -3.50 12.20
CA SER A 46 -14.08 -2.52 13.29
C SER A 46 -15.47 -1.95 13.49
N ALA A 47 -16.20 -1.67 12.41
CA ALA A 47 -17.52 -1.05 12.51
C ALA A 47 -18.60 -2.00 13.00
N MET A 48 -18.37 -3.31 12.91
CA MET A 48 -19.39 -4.26 13.34
C MET A 48 -19.55 -4.23 14.86
N ASP A 49 -20.75 -4.61 15.31
CA ASP A 49 -21.07 -4.63 16.73
C ASP A 49 -20.55 -5.90 17.43
N ASP A 50 -20.47 -7.01 16.69
CA ASP A 50 -19.99 -8.26 17.28
C ASP A 50 -18.55 -8.14 17.73
N PHE A 51 -17.72 -7.43 16.96
CA PHE A 51 -16.32 -7.25 17.29
C PHE A 51 -16.16 -6.36 18.52
N LEU A 52 -16.97 -5.30 18.60
CA LEU A 52 -16.91 -4.37 19.72
C LEU A 52 -17.47 -4.96 20.99
N LYS A 53 -18.35 -5.95 20.90
CA LYS A 53 -18.83 -6.61 22.11
C LYS A 53 -17.73 -7.42 22.79
N GLU A 54 -16.75 -7.89 22.02
CA GLU A 54 -15.73 -8.78 22.56
C GLU A 54 -14.37 -8.12 22.71
N PHE A 55 -14.16 -6.92 22.16
CA PHE A 55 -12.85 -6.35 22.42
C PHE A 55 -12.87 -4.94 22.99
N PHE A 56 -13.81 -4.10 22.57
CA PHE A 56 -13.88 -2.71 23.04
C PHE A 56 -15.27 -2.41 23.56
N PRO A 57 -15.54 -2.73 24.83
CA PRO A 57 -16.89 -2.47 25.37
C PRO A 57 -17.14 -1.02 25.72
N ALA A 58 -16.10 -0.19 25.85
CA ALA A 58 -16.32 1.21 26.17
C ALA A 58 -17.00 1.94 25.03
N VAL A 59 -16.49 1.75 23.81
CA VAL A 59 -17.10 2.35 22.63
C VAL A 59 -18.35 1.59 22.18
N TRP A 60 -18.49 0.33 22.62
CA TRP A 60 -19.68 -0.44 22.29
C TRP A 60 -20.92 0.15 22.93
N GLU A 61 -20.83 0.59 24.19
CA GLU A 61 -21.96 1.25 24.84
C GLU A 61 -22.34 2.55 24.15
N ARG A 62 -21.40 3.19 23.47
CA ARG A 62 -21.64 4.51 22.91
C ARG A 62 -22.38 4.41 21.58
N LYS A 63 -22.32 3.24 20.93
CA LYS A 63 -23.15 2.92 19.78
C LYS A 63 -24.61 2.65 20.16
N LYS A 64 -24.88 2.30 21.43
CA LYS A 64 -26.26 2.13 21.87
C LYS A 64 -27.06 3.42 21.80
N HIS A 65 -26.41 4.57 21.80
CA HIS A 65 -27.09 5.84 21.67
C HIS A 65 -27.45 6.10 20.22
N VAL A 66 -28.58 6.76 20.00
CA VAL A 66 -29.08 6.93 18.64
C VAL A 66 -28.12 7.77 17.81
N HIS A 67 -27.88 9.03 18.20
CA HIS A 67 -26.98 9.90 17.45
C HIS A 67 -26.19 10.81 18.37
N GLU A 68 -25.91 10.35 19.59
CA GLU A 68 -25.22 11.17 20.58
C GLU A 68 -23.71 11.04 20.42
N ASN A 69 -23.01 12.16 20.59
CA ASN A 69 -21.55 12.22 20.52
C ASN A 69 -21.01 11.78 19.16
N ASN A 70 -21.33 12.61 18.16
CA ASN A 70 -20.78 12.42 16.83
C ASN A 70 -19.31 12.84 16.78
N TYR A 71 -18.55 12.20 15.88
CA TYR A 71 -17.13 12.39 15.59
C TYR A 71 -16.19 11.86 16.69
N CYS A 72 -16.73 11.61 17.88
CA CYS A 72 -15.93 11.13 19.00
C CYS A 72 -16.44 9.81 19.50
N LYS A 73 -17.39 9.20 18.79
CA LYS A 73 -17.96 7.94 19.22
C LYS A 73 -16.90 6.84 19.27
N TYR A 74 -16.00 6.82 18.29
CA TYR A 74 -14.98 5.80 18.18
C TYR A 74 -13.57 6.32 18.47
N ASP A 75 -13.46 7.39 19.27
CA ASP A 75 -12.15 7.95 19.62
C ASP A 75 -11.52 7.10 20.71
N ASN A 76 -10.70 6.14 20.28
CA ASN A 76 -10.05 5.19 21.16
C ASN A 76 -8.72 4.80 20.56
N GLN A 77 -7.64 4.95 21.32
CA GLN A 77 -6.31 4.71 20.77
C GLN A 77 -6.06 3.23 20.51
N PHE A 78 -6.69 2.34 21.27
CA PHE A 78 -6.50 0.90 21.06
C PHE A 78 -7.36 0.38 19.90
N LEU A 79 -8.53 0.98 19.70
CA LEU A 79 -9.30 0.68 18.50
C LEU A 79 -8.52 1.03 17.25
N GLN A 80 -7.87 2.19 17.25
CA GLN A 80 -7.02 2.56 16.12
C GLN A 80 -5.76 1.71 16.08
N LEU A 81 -5.30 1.24 17.25
CA LEU A 81 -4.16 0.34 17.29
C LEU A 81 -4.46 -0.95 16.54
N PHE A 82 -5.71 -1.43 16.63
CA PHE A 82 -6.09 -2.61 15.87
C PHE A 82 -5.79 -2.44 14.38
N THR A 83 -6.03 -1.23 13.85
CA THR A 83 -5.80 -0.98 12.43
C THR A 83 -4.32 -0.73 12.12
N SER A 84 -3.63 0.06 12.94
CA SER A 84 -2.28 0.54 12.63
C SER A 84 -1.16 -0.38 13.13
N SER A 85 -1.51 -1.45 13.84
CA SER A 85 -0.50 -2.40 14.32
C SER A 85 0.24 -3.04 13.15
N LEU A 86 -0.51 -3.42 12.11
CA LEU A 86 0.08 -4.09 10.97
C LEU A 86 1.13 -3.21 10.31
N TYR A 87 0.84 -1.91 10.18
CA TYR A 87 1.76 -1.01 9.50
C TYR A 87 2.95 -0.61 10.37
N LEU A 88 2.75 -0.47 11.69
CA LEU A 88 3.91 -0.30 12.56
C LEU A 88 4.83 -1.52 12.47
N ALA A 89 4.24 -2.72 12.50
CA ALA A 89 5.03 -3.94 12.36
C ALA A 89 5.74 -3.98 11.02
N ALA A 90 5.06 -3.58 9.94
CA ALA A 90 5.67 -3.57 8.62
C ALA A 90 6.83 -2.60 8.55
N LEU A 91 6.68 -1.43 9.17
CA LEU A 91 7.77 -0.47 9.20
C LEU A 91 8.97 -1.05 9.94
N VAL A 92 8.74 -1.74 11.05
CA VAL A 92 9.88 -2.33 11.76
C VAL A 92 10.48 -3.48 10.95
N ALA A 93 9.64 -4.33 10.37
CA ALA A 93 10.11 -5.53 9.68
C ALA A 93 10.67 -5.22 8.30
N SER A 94 10.47 -4.02 7.77
CA SER A 94 11.00 -3.68 6.45
C SER A 94 12.52 -3.72 6.45
N PHE A 95 13.13 -3.14 7.48
CA PHE A 95 14.59 -3.13 7.56
C PHE A 95 15.13 -4.53 7.78
N VAL A 96 14.43 -5.32 8.59
CA VAL A 96 14.82 -6.71 8.81
C VAL A 96 14.75 -7.50 7.51
N ALA A 97 13.73 -7.23 6.69
CA ALA A 97 13.63 -7.88 5.39
C ALA A 97 14.77 -7.44 4.48
N SER A 98 15.09 -6.15 4.49
CA SER A 98 16.17 -5.64 3.65
C SER A 98 17.50 -6.30 4.00
N ALA A 99 17.72 -6.63 5.29
CA ALA A 99 18.94 -7.32 5.67
C ALA A 99 18.86 -8.82 5.38
N THR A 100 17.71 -9.44 5.69
CA THR A 100 17.56 -10.88 5.58
C THR A 100 17.65 -11.34 4.14
N CYS A 101 17.16 -10.53 3.19
CA CYS A 101 17.33 -10.88 1.79
C CYS A 101 18.80 -10.96 1.43
N SER A 102 19.55 -9.89 1.71
CA SER A 102 20.96 -9.86 1.33
C SER A 102 21.78 -10.90 2.09
N LYS A 103 21.26 -11.45 3.19
CA LYS A 103 22.03 -12.47 3.91
C LYS A 103 21.64 -13.89 3.51
N LEU A 104 20.36 -14.19 3.33
CA LEU A 104 19.91 -15.55 3.04
C LEU A 104 19.43 -15.76 1.60
N GLY A 105 18.68 -14.82 1.02
CA GLY A 105 18.09 -15.05 -0.27
C GLY A 105 16.67 -14.55 -0.35
N ARG A 106 16.13 -14.51 -1.57
CA ARG A 106 14.78 -14.00 -1.77
C ARG A 106 13.72 -15.07 -1.56
N ARG A 107 14.12 -16.34 -1.52
CA ARG A 107 13.22 -17.46 -1.23
C ARG A 107 12.96 -17.62 0.27
N PRO A 108 13.99 -17.64 1.13
CA PRO A 108 13.70 -17.80 2.57
C PRO A 108 12.88 -16.66 3.13
N THR A 109 13.06 -15.44 2.65
CA THR A 109 12.28 -14.33 3.19
C THR A 109 10.82 -14.44 2.78
N MET A 110 10.55 -14.90 1.55
CA MET A 110 9.17 -15.13 1.16
C MET A 110 8.54 -16.27 1.97
N GLN A 111 9.32 -17.31 2.24
CA GLN A 111 8.82 -18.39 3.10
C GLN A 111 8.46 -17.86 4.49
N PHE A 112 9.33 -17.03 5.05
CA PHE A 112 9.05 -16.45 6.36
C PHE A 112 7.82 -15.54 6.31
N ALA A 113 7.65 -14.82 5.20
CA ALA A 113 6.47 -13.98 5.06
C ALA A 113 5.19 -14.83 5.06
N SER A 114 5.20 -15.94 4.32
CA SER A 114 4.02 -16.80 4.31
C SER A 114 3.77 -17.38 5.70
N ILE A 115 4.82 -17.77 6.41
CA ILE A 115 4.67 -18.30 7.75
C ILE A 115 4.08 -17.25 8.68
N PHE A 116 4.54 -16.00 8.56
CA PHE A 116 4.02 -14.93 9.41
C PHE A 116 2.54 -14.63 9.11
N PHE A 117 2.15 -14.55 7.83
CA PHE A 117 0.71 -14.41 7.55
C PHE A 117 -0.09 -15.58 8.11
N LEU A 118 0.40 -16.81 7.92
CA LEU A 118 -0.38 -17.94 8.40
C LEU A 118 -0.51 -17.91 9.92
N ILE A 119 0.52 -17.42 10.62
CA ILE A 119 0.41 -17.35 12.07
C ILE A 119 -0.58 -16.27 12.47
N GLY A 120 -0.50 -15.12 11.79
CA GLY A 120 -1.38 -14.00 12.09
C GLY A 120 -2.85 -14.28 11.82
N VAL A 121 -3.15 -15.06 10.78
CA VAL A 121 -4.55 -15.32 10.45
C VAL A 121 -5.21 -16.10 11.58
N GLY A 122 -4.57 -17.19 12.00
CA GLY A 122 -5.10 -17.97 13.11
C GLY A 122 -5.18 -17.19 14.40
N LEU A 123 -4.21 -16.30 14.65
CA LEU A 123 -4.30 -15.47 15.85
C LEU A 123 -5.49 -14.51 15.78
N THR A 124 -5.69 -13.85 14.63
CA THR A 124 -6.70 -12.80 14.55
C THR A 124 -8.11 -13.37 14.49
N ALA A 125 -8.33 -14.38 13.63
CA ALA A 125 -9.67 -14.93 13.48
C ALA A 125 -10.13 -15.63 14.75
N GLY A 126 -9.24 -16.36 15.40
CA GLY A 126 -9.58 -17.04 16.63
C GLY A 126 -9.10 -16.29 17.85
N ALA A 127 -9.19 -14.96 17.81
CA ALA A 127 -8.69 -14.15 18.92
C ALA A 127 -9.64 -14.22 20.10
N VAL A 128 -9.10 -14.58 21.27
CA VAL A 128 -9.87 -14.58 22.50
C VAL A 128 -9.50 -13.40 23.41
N ASN A 129 -8.34 -12.78 23.20
CA ASN A 129 -7.81 -11.72 24.05
C ASN A 129 -7.40 -10.54 23.18
N LEU A 130 -7.59 -9.33 23.70
CA LEU A 130 -7.20 -8.13 22.95
C LEU A 130 -5.71 -8.09 22.71
N VAL A 131 -4.92 -8.47 23.71
CA VAL A 131 -3.48 -8.61 23.54
C VAL A 131 -3.19 -9.59 22.42
N MET A 132 -3.89 -10.73 22.42
CA MET A 132 -3.71 -11.72 21.37
C MET A 132 -4.09 -11.16 20.00
N LEU A 133 -5.18 -10.40 19.94
CA LEU A 133 -5.62 -9.83 18.66
C LEU A 133 -4.57 -8.88 18.09
N ILE A 134 -4.04 -8.00 18.93
CA ILE A 134 -3.02 -7.06 18.46
C ILE A 134 -1.76 -7.82 18.04
N ILE A 135 -1.43 -8.90 18.75
CA ILE A 135 -0.26 -9.69 18.37
C ILE A 135 -0.47 -10.35 17.01
N GLY A 136 -1.67 -10.83 16.75
CA GLY A 136 -1.94 -11.41 15.44
C GLY A 136 -1.81 -10.37 14.33
N ARG A 137 -2.35 -9.18 14.56
CA ARG A 137 -2.15 -8.10 13.59
C ARG A 137 -0.67 -7.79 13.40
N LEU A 138 0.11 -7.90 14.48
CA LEU A 138 1.53 -7.58 14.43
C LEU A 138 2.28 -8.61 13.59
N PHE A 139 1.89 -9.89 13.71
CA PHE A 139 2.47 -10.94 12.87
C PHE A 139 2.09 -10.76 11.41
N LEU A 140 0.84 -10.39 11.14
CA LEU A 140 0.48 -10.04 9.77
C LEU A 140 1.37 -8.90 9.25
N GLY A 141 1.68 -7.94 10.13
CA GLY A 141 2.56 -6.85 9.73
C GLY A 141 3.97 -7.32 9.41
N PHE A 142 4.50 -8.25 10.21
CA PHE A 142 5.79 -8.84 9.89
C PHE A 142 5.76 -9.47 8.49
N GLY A 143 4.73 -10.27 8.24
CA GLY A 143 4.62 -10.95 6.95
C GLY A 143 4.54 -9.97 5.79
N VAL A 144 3.74 -8.92 5.94
CA VAL A 144 3.59 -7.96 4.84
C VAL A 144 4.85 -7.11 4.64
N GLY A 145 5.55 -6.77 5.72
CA GLY A 145 6.81 -6.06 5.58
C GLY A 145 7.88 -6.89 4.88
N PHE A 146 7.90 -8.19 5.16
CA PHE A 146 8.80 -9.08 4.41
C PHE A 146 8.40 -9.21 2.95
N GLY A 147 7.09 -9.39 2.69
CA GLY A 147 6.64 -9.60 1.33
C GLY A 147 6.81 -8.37 0.44
N ASN A 148 6.45 -7.20 0.95
CA ASN A 148 6.60 -5.98 0.16
C ASN A 148 8.05 -5.59 -0.05
N GLN A 149 8.98 -6.38 0.45
CA GLN A 149 10.40 -6.18 0.18
C GLN A 149 10.99 -7.27 -0.68
N ALA A 150 10.53 -8.52 -0.51
CA ALA A 150 11.00 -9.60 -1.37
C ALA A 150 10.34 -9.58 -2.75
N VAL A 151 9.07 -9.17 -2.84
CA VAL A 151 8.37 -9.20 -4.12
C VAL A 151 9.02 -8.30 -5.16
N PRO A 152 9.38 -7.03 -4.87
CA PRO A 152 10.09 -6.24 -5.89
C PRO A 152 11.43 -6.86 -6.28
N LEU A 153 12.07 -7.61 -5.39
CA LEU A 153 13.35 -8.25 -5.70
C LEU A 153 13.19 -9.45 -6.62
N PHE A 154 12.20 -10.32 -6.38
CA PHE A 154 11.80 -11.27 -7.42
C PHE A 154 11.48 -10.61 -8.75
N LEU A 155 10.64 -9.57 -8.76
CA LEU A 155 10.23 -9.03 -10.05
C LEU A 155 11.39 -8.38 -10.79
N SER A 156 12.35 -7.82 -10.08
CA SER A 156 13.48 -7.15 -10.71
C SER A 156 14.65 -8.08 -11.04
N GLU A 157 14.58 -9.36 -10.65
CA GLU A 157 15.70 -10.26 -10.87
C GLU A 157 15.32 -11.59 -11.53
N ILE A 158 14.06 -11.78 -11.94
CA ILE A 158 13.63 -12.96 -12.66
C ILE A 158 12.98 -12.60 -13.99
N ALA A 159 12.02 -11.66 -13.97
CA ALA A 159 11.29 -11.31 -15.18
C ALA A 159 12.19 -10.55 -16.15
N PRO A 160 12.00 -10.75 -17.46
CA PRO A 160 12.90 -10.14 -18.46
C PRO A 160 12.61 -8.65 -18.64
N ALA A 161 13.37 -8.05 -19.57
CA ALA A 161 13.32 -6.62 -19.79
C ALA A 161 11.96 -6.21 -20.35
N GLN A 162 11.71 -4.90 -20.33
CA GLN A 162 10.47 -4.27 -20.78
C GLN A 162 9.25 -4.72 -19.99
N LEU A 163 9.45 -5.43 -18.89
CA LEU A 163 8.33 -5.91 -18.08
C LEU A 163 8.49 -5.44 -16.64
N ARG A 164 9.19 -4.31 -16.45
CA ARG A 164 9.35 -3.73 -15.12
C ARG A 164 8.14 -2.91 -14.73
N GLY A 165 7.68 -2.02 -15.62
CA GLY A 165 6.49 -1.25 -15.33
C GLY A 165 5.20 -2.04 -15.44
N GLY A 166 5.17 -3.05 -16.31
CA GLY A 166 3.97 -3.85 -16.47
C GLY A 166 3.65 -4.69 -15.25
N LEU A 167 4.67 -5.10 -14.50
CA LEU A 167 4.43 -5.86 -13.28
C LEU A 167 4.01 -4.95 -12.13
N ASN A 168 4.54 -3.72 -12.09
CA ASN A 168 4.20 -2.80 -11.02
C ASN A 168 2.71 -2.45 -11.05
N ILE A 169 2.16 -2.23 -12.24
CA ILE A 169 0.74 -1.88 -12.35
C ILE A 169 -0.16 -3.06 -11.98
N VAL A 170 0.24 -4.29 -12.36
CA VAL A 170 -0.52 -5.47 -11.96
C VAL A 170 -0.51 -5.62 -10.45
N PHE A 171 0.65 -5.43 -9.83
CA PHE A 171 0.73 -5.50 -8.38
C PHE A 171 -0.17 -4.44 -7.73
N GLN A 172 -0.18 -3.24 -8.29
CA GLN A 172 -0.96 -2.18 -7.68
C GLN A 172 -2.45 -2.31 -7.97
N LEU A 173 -2.80 -3.17 -8.93
CA LEU A 173 -4.20 -3.52 -9.16
C LEU A 173 -4.68 -4.59 -8.19
N MET A 174 -3.79 -5.55 -7.86
CA MET A 174 -4.19 -6.62 -6.95
C MET A 174 -4.58 -6.10 -5.58
N VAL A 175 -3.99 -4.99 -5.14
CA VAL A 175 -4.34 -4.43 -3.83
C VAL A 175 -5.76 -3.86 -3.85
N THR A 176 -6.13 -3.17 -4.93
CA THR A 176 -7.50 -2.67 -5.04
C THR A 176 -8.50 -3.83 -5.10
N ILE A 177 -8.15 -4.88 -5.83
CA ILE A 177 -9.03 -6.04 -5.92
C ILE A 177 -9.21 -6.69 -4.54
N GLY A 178 -8.11 -6.80 -3.79
CA GLY A 178 -8.20 -7.35 -2.45
C GLY A 178 -9.08 -6.50 -1.54
N ILE A 179 -8.97 -5.18 -1.65
CA ILE A 179 -9.82 -4.28 -0.88
C ILE A 179 -11.29 -4.52 -1.21
N LEU A 180 -11.60 -4.67 -2.49
CA LEU A 180 -12.98 -4.88 -2.89
C LEU A 180 -13.53 -6.18 -2.32
N ILE A 181 -12.77 -7.27 -2.44
CA ILE A 181 -13.28 -8.54 -1.91
C ILE A 181 -13.35 -8.52 -0.39
N ALA A 182 -12.46 -7.77 0.27
CA ALA A 182 -12.55 -7.63 1.71
C ALA A 182 -13.82 -6.91 2.12
N ASN A 183 -14.19 -5.84 1.39
CA ASN A 183 -15.46 -5.18 1.67
C ASN A 183 -16.63 -6.12 1.46
N ILE A 184 -16.57 -6.96 0.42
CA ILE A 184 -17.65 -7.92 0.19
C ILE A 184 -17.78 -8.89 1.36
N VAL A 185 -16.65 -9.43 1.82
CA VAL A 185 -16.66 -10.39 2.91
C VAL A 185 -17.21 -9.73 4.17
N ASN A 186 -16.77 -8.50 4.46
CA ASN A 186 -17.28 -7.80 5.64
C ASN A 186 -18.78 -7.54 5.54
N TYR A 187 -19.26 -7.12 4.37
CA TYR A 187 -20.69 -6.84 4.23
C TYR A 187 -21.52 -8.09 4.47
N PHE A 188 -21.04 -9.25 4.00
CA PHE A 188 -21.80 -10.47 4.22
C PHE A 188 -21.68 -11.01 5.65
N THR A 189 -20.54 -10.81 6.32
CA THR A 189 -20.38 -11.32 7.68
C THR A 189 -20.82 -10.32 8.74
N ALA A 190 -21.20 -9.11 8.36
CA ALA A 190 -21.72 -8.15 9.33
C ALA A 190 -23.04 -8.63 9.92
N THR A 191 -23.90 -9.22 9.08
CA THR A 191 -25.17 -9.73 9.56
C THR A 191 -24.97 -10.90 10.52
N VAL A 192 -23.94 -11.71 10.31
CA VAL A 192 -23.65 -12.81 11.21
C VAL A 192 -23.24 -12.25 12.55
N HIS A 193 -24.13 -12.36 13.52
CA HIS A 193 -23.91 -11.81 14.85
C HIS A 193 -23.10 -12.70 15.79
N PRO A 194 -23.29 -14.03 15.83
CA PRO A 194 -22.48 -14.81 16.78
C PRO A 194 -20.98 -14.76 16.52
N TYR A 195 -20.52 -14.92 15.26
CA TYR A 195 -19.09 -15.04 14.99
C TYR A 195 -18.69 -14.36 13.67
N GLY A 196 -19.33 -13.24 13.33
CA GLY A 196 -19.14 -12.68 12.00
C GLY A 196 -17.70 -12.25 11.71
N TRP A 197 -17.10 -11.48 12.63
CA TRP A 197 -15.76 -10.96 12.37
C TRP A 197 -14.74 -12.08 12.26
N ARG A 198 -14.98 -13.21 12.93
CA ARG A 198 -14.07 -14.35 12.83
C ARG A 198 -14.05 -14.91 11.41
N ILE A 199 -15.24 -15.07 10.81
CA ILE A 199 -15.32 -15.47 9.41
C ILE A 199 -14.63 -14.43 8.54
N ALA A 200 -14.85 -13.15 8.83
CA ALA A 200 -14.24 -12.11 8.01
C ALA A 200 -12.72 -12.18 8.06
N LEU A 201 -12.16 -12.40 9.24
CA LEU A 201 -10.70 -12.40 9.38
C LEU A 201 -10.08 -13.74 8.99
N GLY A 202 -10.87 -14.81 8.89
CA GLY A 202 -10.30 -16.04 8.40
C GLY A 202 -10.08 -16.11 6.90
N GLY A 203 -10.65 -15.17 6.15
CA GLY A 203 -10.54 -15.21 4.70
C GLY A 203 -9.15 -14.96 4.17
N ALA A 204 -8.30 -14.30 4.97
CA ALA A 204 -6.93 -14.04 4.54
C ALA A 204 -6.08 -15.29 4.48
N GLY A 205 -6.58 -16.42 4.98
CA GLY A 205 -5.79 -17.63 5.02
C GLY A 205 -5.57 -18.27 3.66
N ILE A 206 -6.54 -18.13 2.76
CA ILE A 206 -6.47 -18.77 1.45
C ILE A 206 -5.28 -18.22 0.65
N PRO A 207 -5.15 -16.90 0.48
CA PRO A 207 -3.97 -16.41 -0.23
C PRO A 207 -2.68 -16.67 0.52
N ALA A 208 -2.72 -16.81 1.84
CA ALA A 208 -1.52 -17.16 2.59
C ALA A 208 -1.08 -18.60 2.30
N VAL A 209 -2.03 -19.53 2.22
CA VAL A 209 -1.70 -20.89 1.81
C VAL A 209 -1.12 -20.89 0.40
N ILE A 210 -1.72 -20.11 -0.50
CA ILE A 210 -1.21 -20.05 -1.87
C ILE A 210 0.20 -19.49 -1.91
N LEU A 211 0.45 -18.44 -1.12
CA LEU A 211 1.80 -17.87 -1.03
C LEU A 211 2.78 -18.89 -0.49
N LEU A 212 2.39 -19.66 0.53
CA LEU A 212 3.28 -20.66 1.11
C LEU A 212 3.66 -21.72 0.09
N PHE A 213 2.68 -22.25 -0.64
CA PHE A 213 2.99 -23.26 -1.64
C PHE A 213 3.59 -22.69 -2.92
N GLY A 214 3.55 -21.37 -3.11
CA GLY A 214 4.24 -20.73 -4.21
C GLY A 214 5.66 -20.36 -3.86
N SER A 215 5.88 -19.95 -2.60
CA SER A 215 7.23 -19.60 -2.16
C SER A 215 8.11 -20.83 -1.97
N LEU A 216 7.52 -22.02 -1.84
CA LEU A 216 8.32 -23.23 -1.76
C LEU A 216 8.83 -23.69 -3.12
N LEU A 217 8.06 -23.44 -4.18
CA LEU A 217 8.42 -23.91 -5.51
C LEU A 217 9.40 -22.99 -6.23
N ILE A 218 9.48 -21.72 -5.84
CA ILE A 218 10.37 -20.76 -6.49
C ILE A 218 11.76 -20.85 -5.87
N ILE A 219 12.79 -20.67 -6.69
CA ILE A 219 14.17 -20.77 -6.25
C ILE A 219 14.79 -19.37 -6.33
N GLU A 220 15.87 -19.18 -5.54
CA GLU A 220 16.46 -17.85 -5.40
C GLU A 220 16.97 -17.33 -6.73
N THR A 221 16.95 -16.00 -6.86
CA THR A 221 17.40 -15.35 -8.08
C THR A 221 18.90 -15.52 -8.28
N PRO A 222 19.37 -15.57 -9.53
CA PRO A 222 20.81 -15.67 -9.77
C PRO A 222 21.60 -14.50 -9.19
N THR A 223 21.00 -13.30 -9.14
CA THR A 223 21.69 -12.17 -8.54
C THR A 223 21.96 -12.43 -7.06
N SER A 224 21.01 -13.02 -6.36
CA SER A 224 21.19 -13.35 -4.95
C SER A 224 22.20 -14.46 -4.76
N LEU A 225 22.21 -15.46 -5.65
CA LEU A 225 23.13 -16.58 -5.50
C LEU A 225 24.56 -16.16 -5.82
N ILE A 226 24.74 -15.29 -6.81
CA ILE A 226 26.07 -14.83 -7.16
C ILE A 226 26.68 -13.98 -6.05
N GLU A 227 25.85 -13.44 -5.17
CA GLU A 227 26.36 -12.63 -4.06
C GLU A 227 27.28 -13.45 -3.15
N ARG A 228 27.00 -14.75 -2.97
CA ARG A 228 27.82 -15.59 -2.09
C ARG A 228 28.57 -16.66 -2.88
N ASN A 229 27.88 -17.48 -3.66
CA ASN A 229 28.50 -18.49 -4.50
C ASN A 229 28.25 -18.13 -5.97
N LYS A 230 29.18 -17.34 -6.53
CA LYS A 230 29.09 -16.78 -7.88
C LYS A 230 29.21 -17.91 -8.90
N ASN A 231 28.11 -18.21 -9.59
CA ASN A 231 28.01 -19.22 -10.64
C ASN A 231 28.19 -20.64 -10.10
N GLU A 232 28.54 -20.80 -8.82
CA GLU A 232 28.60 -22.14 -8.26
C GLU A 232 27.21 -22.73 -8.13
N GLU A 233 26.19 -21.90 -7.93
CA GLU A 233 24.79 -22.34 -7.90
C GLU A 233 23.84 -21.46 -8.72
N GLY A 234 24.15 -20.19 -8.97
CA GLY A 234 23.25 -19.34 -9.73
C GLY A 234 23.34 -19.49 -11.23
N LYS A 235 24.41 -20.09 -11.75
CA LYS A 235 24.58 -20.21 -13.20
C LYS A 235 23.47 -21.07 -13.80
N GLU A 236 23.19 -22.23 -13.20
CA GLU A 236 22.10 -23.08 -13.67
C GLU A 236 20.74 -22.46 -13.35
N ALA A 237 20.66 -21.73 -12.23
CA ALA A 237 19.40 -21.10 -11.86
C ALA A 237 18.97 -20.09 -12.91
N LEU A 238 19.92 -19.38 -13.51
CA LEU A 238 19.53 -18.41 -14.52
C LEU A 238 19.12 -19.11 -15.82
N ARG A 239 19.69 -20.30 -16.08
CA ARG A 239 19.29 -21.07 -17.26
C ARG A 239 17.89 -21.63 -17.11
N LYS A 240 17.46 -21.94 -15.89
CA LYS A 240 16.09 -22.44 -15.70
C LYS A 240 15.05 -21.35 -15.93
N ILE A 241 15.40 -20.08 -15.70
CA ILE A 241 14.43 -19.00 -15.90
C ILE A 241 14.01 -18.91 -17.36
N ARG A 242 14.97 -19.00 -18.27
CA ARG A 242 14.71 -18.81 -19.69
C ARG A 242 15.46 -19.87 -20.49
N GLY A 243 14.72 -20.62 -21.30
CA GLY A 243 15.23 -21.82 -21.94
C GLY A 243 16.29 -21.58 -22.99
N VAL A 244 16.61 -20.32 -23.29
CA VAL A 244 17.67 -20.02 -24.23
C VAL A 244 19.02 -20.29 -23.57
N ASP A 245 19.95 -20.87 -24.33
CA ASP A 245 21.28 -21.16 -23.81
C ASP A 245 22.20 -19.95 -23.81
N ASP A 246 21.81 -18.84 -24.43
CA ASP A 246 22.62 -17.62 -24.44
C ASP A 246 22.50 -16.92 -23.09
N ILE A 247 23.23 -17.46 -22.11
CA ILE A 247 23.30 -16.89 -20.77
C ILE A 247 24.49 -15.94 -20.63
N ASN A 248 25.64 -16.32 -21.18
CA ASN A 248 26.91 -15.70 -20.80
C ASN A 248 26.89 -14.18 -20.98
N ASP A 249 26.16 -13.69 -21.97
CA ASP A 249 26.13 -12.25 -22.22
C ASP A 249 25.20 -11.53 -21.24
N GLU A 250 24.19 -12.22 -20.71
CA GLU A 250 23.23 -11.59 -19.80
C GLU A 250 23.81 -11.50 -18.39
N TYR A 251 24.46 -12.56 -17.93
CA TYR A 251 25.34 -12.63 -16.77
C TYR A 251 26.32 -11.47 -16.56
N GLU A 252 26.88 -10.96 -17.66
CA GLU A 252 27.94 -9.97 -17.56
C GLU A 252 27.47 -8.68 -16.91
N SER A 253 26.16 -8.46 -16.83
CA SER A 253 25.65 -7.31 -16.10
C SER A 253 25.37 -7.62 -14.64
N ILE A 254 25.03 -8.87 -14.31
CA ILE A 254 24.82 -9.25 -12.92
C ILE A 254 26.13 -9.22 -12.16
N VAL A 255 27.23 -9.64 -12.81
CA VAL A 255 28.52 -9.62 -12.12
C VAL A 255 28.94 -8.19 -11.78
N HIS A 256 28.63 -7.23 -12.67
CA HIS A 256 29.08 -5.86 -12.44
C HIS A 256 28.38 -5.21 -11.25
N ALA A 257 27.16 -5.64 -10.94
CA ALA A 257 26.43 -5.04 -9.82
C ALA A 257 27.12 -5.31 -8.50
N CYS A 258 27.61 -6.53 -8.30
CA CYS A 258 28.28 -6.91 -7.06
C CYS A 258 29.81 -6.84 -7.20
N ASP A 259 30.31 -6.39 -8.36
CA ASP A 259 31.75 -6.22 -8.52
C ASP A 259 32.31 -5.20 -7.54
N ILE A 260 31.58 -4.12 -7.28
CA ILE A 260 32.08 -3.04 -6.43
C ILE A 260 31.81 -3.38 -4.97
N ALA A 261 32.72 -4.16 -4.37
CA ALA A 261 32.54 -4.60 -3.00
C ALA A 261 32.77 -3.47 -2.01
N SER A 262 33.75 -2.61 -2.28
CA SER A 262 34.01 -1.47 -1.41
C SER A 262 32.87 -0.45 -1.47
N GLN A 263 32.24 -0.28 -2.63
CA GLN A 263 31.15 0.67 -2.76
C GLN A 263 29.88 0.16 -2.07
N VAL A 264 29.63 -1.15 -2.13
CA VAL A 264 28.45 -1.73 -1.50
C VAL A 264 28.66 -2.04 -0.02
N LYS A 265 29.84 -1.74 0.52
CA LYS A 265 30.06 -1.90 1.96
C LYS A 265 29.21 -0.91 2.74
N ASP A 266 29.07 0.32 2.24
CA ASP A 266 28.25 1.36 2.87
C ASP A 266 27.21 1.80 1.86
N PRO A 267 26.08 1.11 1.75
CA PRO A 267 25.06 1.48 0.77
C PRO A 267 24.28 2.72 1.15
N TYR A 268 24.53 3.23 2.36
CA TYR A 268 23.72 4.27 2.97
C TYR A 268 24.12 5.62 2.40
N ARG A 269 25.42 5.75 2.12
CA ARG A 269 26.03 7.00 1.69
C ARG A 269 25.70 7.31 0.24
N LYS A 270 25.44 6.28 -0.57
CA LYS A 270 25.17 6.49 -1.99
C LYS A 270 23.86 7.24 -2.20
N LEU A 271 22.84 6.95 -1.37
CA LEU A 271 21.59 7.69 -1.47
C LEU A 271 21.76 9.14 -1.03
N LEU A 272 22.62 9.38 -0.03
CA LEU A 272 22.86 10.74 0.45
C LEU A 272 23.72 11.54 -0.51
N LYS A 273 24.47 10.87 -1.39
CA LYS A 273 25.32 11.56 -2.33
C LYS A 273 24.47 12.28 -3.38
N PRO A 274 24.99 13.35 -4.00
CA PRO A 274 24.20 14.09 -4.98
C PRO A 274 23.86 13.31 -6.23
N ALA A 275 24.49 12.16 -6.46
CA ALA A 275 24.19 11.37 -7.66
C ALA A 275 22.76 10.85 -7.63
N SER A 276 22.27 10.41 -6.47
CA SER A 276 20.92 9.89 -6.33
C SER A 276 20.03 10.81 -5.51
N ARG A 277 20.44 12.06 -5.31
CA ARG A 277 19.60 12.99 -4.55
C ARG A 277 18.28 13.30 -5.25
N PRO A 278 18.23 13.64 -6.54
CA PRO A 278 16.94 14.01 -7.17
C PRO A 278 15.90 12.92 -7.09
N PRO A 279 16.20 11.66 -7.44
CA PRO A 279 15.14 10.64 -7.34
C PRO A 279 14.80 10.26 -5.91
N PHE A 280 15.71 10.45 -4.97
CA PHE A 280 15.42 10.15 -3.58
C PHE A 280 14.35 11.10 -3.04
N ILE A 281 14.56 12.42 -3.22
CA ILE A 281 13.63 13.42 -2.69
C ILE A 281 12.26 13.24 -3.30
N ILE A 282 12.20 12.98 -4.62
CA ILE A 282 10.92 12.71 -5.26
C ILE A 282 10.30 11.44 -4.67
N GLY A 283 11.11 10.39 -4.51
CA GLY A 283 10.56 9.11 -4.10
C GLY A 283 10.00 9.15 -2.69
N MET A 284 10.73 9.78 -1.77
CA MET A 284 10.30 9.77 -0.38
C MET A 284 9.07 10.63 -0.18
N LEU A 285 9.09 11.86 -0.72
CA LEU A 285 7.97 12.77 -0.55
C LEU A 285 6.70 12.24 -1.18
N LEU A 286 6.84 11.51 -2.29
CA LEU A 286 5.68 10.86 -2.90
C LEU A 286 4.97 9.95 -1.90
N GLN A 287 5.73 9.26 -1.05
CA GLN A 287 5.10 8.45 0.00
C GLN A 287 4.46 9.33 1.06
N LEU A 288 5.09 10.45 1.39
CA LEU A 288 4.50 11.36 2.37
C LEU A 288 3.20 11.95 1.86
N PHE A 289 3.15 12.33 0.58
CA PHE A 289 1.96 12.97 0.03
C PHE A 289 0.84 11.96 -0.21
N GLN A 290 1.16 10.82 -0.83
CA GLN A 290 0.10 9.86 -1.17
C GLN A 290 -0.59 9.32 0.08
N GLN A 291 0.03 9.41 1.25
CA GLN A 291 -0.63 9.04 2.49
C GLN A 291 -1.31 10.21 3.17
N PHE A 292 -0.85 11.43 2.92
CA PHE A 292 -1.49 12.60 3.49
C PHE A 292 -2.51 13.23 2.56
N THR A 293 -2.79 12.58 1.42
CA THR A 293 -4.00 12.90 0.68
C THR A 293 -5.24 12.65 1.52
N GLY A 294 -5.24 11.55 2.28
CA GLY A 294 -6.38 11.19 3.11
C GLY A 294 -7.21 10.02 2.62
N ILE A 295 -6.67 9.18 1.73
CA ILE A 295 -7.45 8.03 1.25
C ILE A 295 -7.63 6.99 2.34
N ASN A 296 -6.67 6.88 3.26
CA ASN A 296 -6.77 5.88 4.31
C ASN A 296 -7.98 6.12 5.19
N ALA A 297 -8.53 7.33 5.17
CA ALA A 297 -9.85 7.53 5.75
C ALA A 297 -10.85 6.57 5.13
N ILE A 298 -10.87 6.48 3.80
CA ILE A 298 -11.86 5.63 3.15
C ILE A 298 -11.45 4.16 3.17
N MET A 299 -10.15 3.87 3.11
CA MET A 299 -9.75 2.46 3.13
C MET A 299 -9.83 1.84 4.52
N PHE A 300 -9.73 2.63 5.59
CA PHE A 300 -9.78 2.10 6.95
C PHE A 300 -11.06 2.43 7.71
N TYR A 301 -11.58 3.64 7.60
CA TYR A 301 -12.66 4.11 8.45
C TYR A 301 -13.82 4.62 7.61
N ALA A 302 -14.07 3.98 6.46
CA ALA A 302 -15.19 4.39 5.63
C ALA A 302 -16.54 4.04 6.24
N PRO A 303 -16.80 2.80 6.69
CA PRO A 303 -18.07 2.58 7.43
C PRO A 303 -18.15 3.39 8.70
N VAL A 304 -17.02 3.61 9.37
CA VAL A 304 -16.99 4.42 10.58
C VAL A 304 -17.40 5.86 10.27
N LEU A 305 -16.98 6.36 9.11
CA LEU A 305 -17.39 7.70 8.71
C LEU A 305 -18.84 7.72 8.27
N PHE A 306 -19.28 6.71 7.51
CA PHE A 306 -20.65 6.69 7.00
C PHE A 306 -21.65 6.58 8.14
N GLN A 307 -21.28 5.93 9.24
CA GLN A 307 -22.19 5.84 10.37
C GLN A 307 -22.38 7.19 11.06
N THR A 308 -21.33 8.02 11.09
CA THR A 308 -21.48 9.36 11.66
C THR A 308 -22.31 10.26 10.74
N VAL A 309 -22.27 9.99 9.43
CA VAL A 309 -23.16 10.68 8.50
C VAL A 309 -24.61 10.33 8.80
N GLY A 310 -24.85 9.11 9.26
CA GLY A 310 -26.20 8.70 9.60
C GLY A 310 -26.80 7.68 8.67
N PHE A 311 -26.01 6.67 8.28
CA PHE A 311 -26.48 5.60 7.41
C PHE A 311 -26.96 4.37 8.18
N GLY A 312 -26.22 3.90 9.17
CA GLY A 312 -26.61 2.71 9.90
C GLY A 312 -25.62 1.58 9.65
N SER A 313 -25.90 0.45 10.32
CA SER A 313 -24.90 -0.62 10.37
C SER A 313 -24.69 -1.26 8.99
N ASP A 314 -25.77 -1.68 8.33
CA ASP A 314 -25.58 -2.25 7.00
C ASP A 314 -25.36 -1.17 5.95
N ALA A 315 -25.97 0.00 6.10
CA ALA A 315 -25.85 1.01 5.05
C ALA A 315 -24.39 1.44 4.86
N ALA A 316 -23.67 1.63 5.96
CA ALA A 316 -22.27 2.04 5.88
C ALA A 316 -21.42 0.97 5.18
N LEU A 317 -21.51 -0.28 5.63
CA LEU A 317 -20.73 -1.35 5.01
C LEU A 317 -21.17 -1.62 3.58
N LEU A 318 -22.41 -1.27 3.23
CA LEU A 318 -22.86 -1.43 1.85
C LEU A 318 -22.32 -0.33 0.96
N SER A 319 -22.16 0.88 1.51
CA SER A 319 -21.53 1.97 0.74
C SER A 319 -20.03 1.75 0.56
N ALA A 320 -19.40 1.08 1.53
CA ALA A 320 -17.97 0.78 1.42
C ALA A 320 -17.67 -0.07 0.19
N VAL A 321 -18.52 -1.05 -0.08
CA VAL A 321 -18.33 -1.88 -1.26
C VAL A 321 -18.42 -1.04 -2.53
N ILE A 322 -19.33 -0.07 -2.54
CA ILE A 322 -19.49 0.78 -3.72
C ILE A 322 -18.20 1.57 -3.97
N THR A 323 -17.66 2.17 -2.91
CA THR A 323 -16.42 2.93 -3.08
C THR A 323 -15.28 2.02 -3.52
N GLY A 324 -15.22 0.79 -3.01
CA GLY A 324 -14.22 -0.14 -3.48
C GLY A 324 -14.35 -0.50 -4.95
N SER A 325 -15.60 -0.65 -5.42
CA SER A 325 -15.82 -0.90 -6.84
C SER A 325 -15.27 0.24 -7.67
N ILE A 326 -15.56 1.48 -7.25
CA ILE A 326 -15.03 2.64 -7.96
C ILE A 326 -13.50 2.59 -7.99
N ASN A 327 -12.90 2.21 -6.86
CA ASN A 327 -11.44 2.12 -6.80
C ASN A 327 -10.90 1.15 -7.85
N VAL A 328 -11.54 -0.02 -7.97
CA VAL A 328 -11.04 -1.04 -8.91
C VAL A 328 -11.19 -0.56 -10.35
N LEU A 329 -12.36 -0.02 -10.72
CA LEU A 329 -12.52 0.46 -12.09
C LEU A 329 -11.53 1.57 -12.41
N ALA A 330 -11.36 2.54 -11.49
CA ALA A 330 -10.46 3.64 -11.75
C ALA A 330 -9.03 3.16 -11.89
N THR A 331 -8.63 2.13 -11.14
CA THR A 331 -7.29 1.58 -11.31
C THR A 331 -7.13 0.91 -12.67
N PHE A 332 -8.14 0.13 -13.08
CA PHE A 332 -8.04 -0.59 -14.35
C PHE A 332 -7.90 0.38 -15.51
N VAL A 333 -8.64 1.49 -15.48
CA VAL A 333 -8.47 2.48 -16.55
C VAL A 333 -7.26 3.39 -16.31
N GLY A 334 -6.78 3.48 -15.08
CA GLY A 334 -5.57 4.26 -14.81
C GLY A 334 -4.35 3.64 -15.44
N ILE A 335 -4.32 2.31 -15.57
CA ILE A 335 -3.16 1.71 -16.23
C ILE A 335 -3.08 2.16 -17.68
N TYR A 336 -4.24 2.35 -18.35
CA TYR A 336 -4.23 2.86 -19.72
C TYR A 336 -3.92 4.36 -19.77
N LEU A 337 -4.46 5.12 -18.82
CA LEU A 337 -4.19 6.55 -18.79
C LEU A 337 -2.72 6.85 -18.59
N VAL A 338 -2.03 6.04 -17.79
CA VAL A 338 -0.59 6.22 -17.61
C VAL A 338 0.15 5.97 -18.91
N ASP A 339 -0.29 4.99 -19.70
CA ASP A 339 0.36 4.69 -20.96
C ASP A 339 0.03 5.71 -22.06
N ARG A 340 -1.08 6.42 -21.94
CA ARG A 340 -1.45 7.39 -22.97
C ARG A 340 -1.08 8.83 -22.64
N THR A 341 -1.00 9.18 -21.36
CA THR A 341 -0.57 10.50 -20.93
C THR A 341 0.76 10.40 -20.19
N GLY A 342 1.36 11.55 -19.89
CA GLY A 342 2.64 11.58 -19.22
C GLY A 342 2.53 11.32 -17.73
N ARG A 343 3.70 11.16 -17.10
CA ARG A 343 3.77 10.93 -15.66
C ARG A 343 3.50 12.20 -14.85
N ARG A 344 3.48 13.37 -15.47
CA ARG A 344 3.27 14.63 -14.78
C ARG A 344 1.80 15.03 -14.76
N PHE A 345 1.13 14.88 -15.91
CA PHE A 345 -0.24 15.35 -16.09
C PHE A 345 -1.19 14.77 -15.06
N LEU A 346 -1.06 13.47 -14.77
CA LEU A 346 -2.03 12.83 -13.88
C LEU A 346 -1.90 13.37 -12.46
N LEU A 347 -0.68 13.61 -11.98
CA LEU A 347 -0.54 14.16 -10.64
C LEU A 347 -0.93 15.63 -10.57
N LEU A 348 -0.77 16.41 -11.65
CA LEU A 348 -1.34 17.75 -11.61
C LEU A 348 -2.88 17.72 -11.58
N GLN A 349 -3.51 16.90 -12.43
CA GLN A 349 -4.97 16.85 -12.47
C GLN A 349 -5.56 16.34 -11.16
N SER A 350 -4.87 15.39 -10.51
CA SER A 350 -5.39 14.73 -9.33
C SER A 350 -5.51 15.67 -8.14
N SER A 351 -4.56 16.59 -7.98
CA SER A 351 -4.62 17.51 -6.85
C SER A 351 -5.90 18.34 -6.89
N VAL A 352 -6.24 18.87 -8.06
CA VAL A 352 -7.49 19.63 -8.20
C VAL A 352 -8.68 18.70 -7.97
N HIS A 353 -8.62 17.52 -8.59
CA HIS A 353 -9.71 16.55 -8.49
C HIS A 353 -10.04 16.20 -7.05
N MET A 354 -9.01 16.03 -6.22
CA MET A 354 -9.19 15.61 -4.83
C MET A 354 -9.53 16.80 -3.94
N LEU A 355 -8.98 17.97 -4.25
CA LEU A 355 -9.27 19.17 -3.49
C LEU A 355 -10.76 19.45 -3.51
N ILE A 356 -11.39 19.30 -4.69
CA ILE A 356 -12.82 19.58 -4.79
C ILE A 356 -13.63 18.68 -3.85
N CYS A 357 -13.37 17.37 -3.88
CA CYS A 357 -14.14 16.44 -3.07
C CYS A 357 -13.93 16.70 -1.57
N GLN A 358 -12.69 16.92 -1.16
CA GLN A 358 -12.46 17.16 0.27
C GLN A 358 -13.13 18.46 0.72
N LEU A 359 -13.04 19.54 -0.06
CA LEU A 359 -13.74 20.76 0.33
C LEU A 359 -15.26 20.58 0.37
N ILE A 360 -15.84 19.89 -0.60
CA ILE A 360 -17.30 19.75 -0.58
C ILE A 360 -17.76 18.96 0.65
N ILE A 361 -17.08 17.84 0.93
CA ILE A 361 -17.45 17.03 2.08
C ILE A 361 -17.29 17.83 3.37
N GLY A 362 -16.16 18.52 3.52
CA GLY A 362 -15.91 19.28 4.73
C GLY A 362 -16.88 20.44 4.91
N ILE A 363 -17.17 21.17 3.83
CA ILE A 363 -18.03 22.34 3.91
C ILE A 363 -19.44 21.94 4.30
N ILE A 364 -19.98 20.87 3.71
CA ILE A 364 -21.34 20.52 4.10
C ILE A 364 -21.39 19.82 5.46
N LEU A 365 -20.31 19.15 5.88
CA LEU A 365 -20.30 18.60 7.23
C LEU A 365 -20.20 19.69 8.29
N ALA A 366 -19.47 20.77 8.00
CA ALA A 366 -19.29 21.82 9.01
C ALA A 366 -20.59 22.53 9.35
N LYS A 367 -21.58 22.48 8.46
CA LYS A 367 -22.85 23.17 8.68
C LYS A 367 -24.00 22.23 9.01
N ASP A 368 -24.11 21.08 8.34
CA ASP A 368 -25.28 20.23 8.53
C ASP A 368 -25.08 19.13 9.57
N LEU A 369 -23.85 18.85 10.00
CA LEU A 369 -23.59 17.81 10.99
C LEU A 369 -22.92 18.43 12.21
N GLY A 370 -23.64 18.45 13.32
CA GLY A 370 -23.13 18.93 14.58
C GLY A 370 -22.67 17.80 15.46
N VAL A 371 -22.78 18.01 16.78
CA VAL A 371 -22.32 17.01 17.73
C VAL A 371 -23.39 15.96 18.04
N THR A 372 -24.66 16.27 17.81
CA THR A 372 -25.74 15.31 17.83
C THR A 372 -26.60 15.53 16.59
N GLY A 373 -26.88 14.47 15.86
CA GLY A 373 -27.73 14.60 14.70
C GLY A 373 -27.28 13.81 13.49
N THR A 374 -28.03 13.95 12.40
CA THR A 374 -27.81 13.15 11.19
C THR A 374 -28.19 13.96 9.95
N LEU A 375 -27.41 13.79 8.90
CA LEU A 375 -27.64 14.49 7.63
C LEU A 375 -28.90 14.00 6.95
N GLY A 376 -29.50 14.88 6.15
CA GLY A 376 -30.65 14.51 5.35
C GLY A 376 -30.27 13.68 4.14
N ARG A 377 -31.29 13.09 3.52
CA ARG A 377 -31.08 12.20 2.38
C ARG A 377 -30.26 12.82 1.25
N PRO A 378 -30.55 14.04 0.78
CA PRO A 378 -29.69 14.61 -0.28
C PRO A 378 -28.25 14.82 0.17
N GLN A 379 -28.05 15.28 1.41
CA GLN A 379 -26.69 15.46 1.92
C GLN A 379 -25.98 14.11 2.03
N ALA A 380 -26.71 13.08 2.47
CA ALA A 380 -26.14 11.75 2.57
C ALA A 380 -25.71 11.22 1.22
N LEU A 381 -26.52 11.46 0.18
CA LEU A 381 -26.11 11.03 -1.16
C LEU A 381 -24.91 11.83 -1.65
N VAL A 382 -24.84 13.12 -1.31
CA VAL A 382 -23.72 13.95 -1.75
C VAL A 382 -22.41 13.45 -1.15
N VAL A 383 -22.41 13.18 0.16
CA VAL A 383 -21.16 12.78 0.82
C VAL A 383 -20.66 11.44 0.31
N VAL A 384 -21.54 10.63 -0.29
CA VAL A 384 -21.13 9.35 -0.84
C VAL A 384 -20.63 9.49 -2.27
N ILE A 385 -21.35 10.25 -3.09
CA ILE A 385 -20.97 10.45 -4.48
C ILE A 385 -19.60 11.11 -4.55
N PHE A 386 -19.38 12.14 -3.75
CA PHE A 386 -18.11 12.85 -3.83
C PHE A 386 -16.96 12.06 -3.22
N VAL A 387 -17.22 11.18 -2.26
CA VAL A 387 -16.11 10.35 -1.78
C VAL A 387 -15.74 9.29 -2.81
N CYS A 388 -16.72 8.76 -3.55
CA CYS A 388 -16.38 7.85 -4.65
C CYS A 388 -15.53 8.55 -5.69
N VAL A 389 -15.92 9.78 -6.04
CA VAL A 389 -15.13 10.52 -7.03
C VAL A 389 -13.74 10.84 -6.46
N TYR A 390 -13.66 11.12 -5.16
CA TYR A 390 -12.37 11.35 -4.52
C TYR A 390 -11.46 10.15 -4.69
N VAL A 391 -11.99 8.95 -4.45
CA VAL A 391 -11.18 7.75 -4.57
C VAL A 391 -10.76 7.52 -6.02
N MET A 392 -11.66 7.76 -6.97
CA MET A 392 -11.27 7.55 -8.36
C MET A 392 -10.22 8.55 -8.79
N GLY A 393 -10.18 9.73 -8.17
CA GLY A 393 -9.10 10.66 -8.44
C GLY A 393 -7.74 10.11 -8.04
N PHE A 394 -7.69 9.41 -6.91
CA PHE A 394 -6.43 8.86 -6.42
C PHE A 394 -6.05 7.56 -7.12
N ALA A 395 -7.04 6.79 -7.59
CA ALA A 395 -6.75 5.48 -8.15
C ALA A 395 -5.98 5.57 -9.46
N TRP A 396 -6.24 6.59 -10.29
CA TRP A 396 -5.45 6.74 -11.50
C TRP A 396 -4.26 7.69 -11.38
N SER A 397 -4.00 8.30 -10.21
CA SER A 397 -2.82 9.15 -10.16
C SER A 397 -1.75 8.81 -9.12
N TRP A 398 -2.05 8.97 -7.84
CA TRP A 398 -1.01 8.80 -6.82
C TRP A 398 -0.86 7.36 -6.36
N GLY A 399 -1.91 6.54 -6.46
CA GLY A 399 -1.83 5.15 -6.12
C GLY A 399 -0.74 4.43 -6.89
N PRO A 400 -0.94 4.25 -8.20
CA PRO A 400 0.07 3.54 -8.99
C PRO A 400 1.37 4.31 -9.13
N LEU A 401 1.31 5.60 -9.48
CA LEU A 401 2.55 6.34 -9.76
C LEU A 401 3.40 6.54 -8.51
N GLY A 402 2.80 6.57 -7.31
CA GLY A 402 3.58 6.67 -6.09
C GLY A 402 4.52 5.50 -5.87
N TRP A 403 4.26 4.37 -6.54
CA TRP A 403 5.20 3.26 -6.58
C TRP A 403 5.90 3.11 -7.91
N LEU A 404 5.30 3.58 -9.00
CA LEU A 404 5.88 3.39 -10.32
C LEU A 404 7.05 4.33 -10.57
N ILE A 405 6.97 5.56 -10.06
CA ILE A 405 8.04 6.52 -10.28
C ILE A 405 9.39 6.07 -9.66
N PRO A 406 9.41 5.66 -8.38
CA PRO A 406 10.71 5.20 -7.82
C PRO A 406 11.20 3.89 -8.40
N SER A 407 10.35 3.14 -9.11
CA SER A 407 10.77 1.90 -9.75
C SER A 407 11.47 2.14 -11.08
N GLU A 408 11.52 3.40 -11.54
CA GLU A 408 12.22 3.74 -12.78
C GLU A 408 13.14 4.94 -12.68
N THR A 409 12.97 5.82 -11.69
CA THR A 409 13.80 7.02 -11.64
C THR A 409 15.18 6.77 -11.03
N PHE A 410 15.27 5.85 -10.08
CA PHE A 410 16.55 5.61 -9.43
C PHE A 410 17.54 4.99 -10.43
N PRO A 411 18.82 5.32 -10.34
CA PRO A 411 19.81 4.68 -11.20
C PRO A 411 20.14 3.27 -10.74
N LEU A 412 20.76 2.50 -11.65
CA LEU A 412 20.97 1.07 -11.43
C LEU A 412 21.69 0.79 -10.12
N GLU A 413 22.55 1.71 -9.68
CA GLU A 413 23.32 1.46 -8.47
C GLU A 413 22.48 1.52 -7.20
N THR A 414 21.45 2.38 -7.18
CA THR A 414 20.62 2.59 -6.00
C THR A 414 19.14 2.34 -6.30
N ARG A 415 18.84 1.25 -7.02
CA ARG A 415 17.45 0.92 -7.29
C ARG A 415 16.83 0.12 -6.15
N SER A 416 17.50 -0.97 -5.75
CA SER A 416 16.95 -1.84 -4.72
C SER A 416 16.84 -1.11 -3.37
N ALA A 417 17.93 -0.50 -2.92
CA ALA A 417 17.90 0.20 -1.64
C ALA A 417 17.01 1.44 -1.69
N GLY A 418 17.07 2.16 -2.82
CA GLY A 418 16.22 3.33 -2.98
C GLY A 418 14.75 3.02 -2.93
N PHE A 419 14.35 1.83 -3.39
CA PHE A 419 12.96 1.45 -3.27
C PHE A 419 12.63 0.85 -1.89
N ALA A 420 13.61 0.20 -1.25
CA ALA A 420 13.37 -0.33 0.10
C ALA A 420 13.02 0.79 1.06
N VAL A 421 13.76 1.88 1.01
CA VAL A 421 13.46 2.99 1.90
C VAL A 421 12.07 3.57 1.60
N ALA A 422 11.68 3.59 0.32
CA ALA A 422 10.36 4.10 -0.03
C ALA A 422 9.27 3.27 0.60
N VAL A 423 9.38 1.94 0.51
CA VAL A 423 8.37 1.06 1.10
C VAL A 423 8.30 1.25 2.61
N SER A 424 9.46 1.33 3.27
CA SER A 424 9.47 1.46 4.73
C SER A 424 8.81 2.76 5.18
N CYS A 425 9.19 3.88 4.56
CA CYS A 425 8.61 5.15 4.98
C CYS A 425 7.12 5.21 4.65
N ASN A 426 6.71 4.61 3.52
CA ASN A 426 5.29 4.52 3.22
C ASN A 426 4.54 3.82 4.35
N MET A 427 5.10 2.72 4.85
CA MET A 427 4.44 2.03 5.95
C MET A 427 4.36 2.92 7.18
N PHE A 428 5.42 3.69 7.45
CA PHE A 428 5.39 4.57 8.61
C PHE A 428 4.25 5.59 8.51
N PHE A 429 4.13 6.25 7.36
CA PHE A 429 3.09 7.26 7.22
C PHE A 429 1.70 6.65 7.23
N THR A 430 1.56 5.45 6.67
CA THR A 430 0.28 4.74 6.78
C THR A 430 -0.08 4.51 8.24
N PHE A 431 0.91 4.11 9.04
CA PHE A 431 0.68 3.92 10.47
C PHE A 431 0.23 5.21 11.13
N VAL A 432 0.85 6.34 10.77
CA VAL A 432 0.45 7.62 11.35
C VAL A 432 -1.01 7.91 11.05
N ILE A 433 -1.40 7.81 9.77
CA ILE A 433 -2.78 8.12 9.41
C ILE A 433 -3.75 7.20 10.16
N ALA A 434 -3.45 5.89 10.16
CA ALA A 434 -4.37 4.93 10.75
C ALA A 434 -4.47 5.08 12.26
N GLN A 435 -3.41 5.55 12.92
CA GLN A 435 -3.45 5.70 14.36
C GLN A 435 -4.03 7.02 14.82
N ALA A 436 -4.03 8.05 13.97
CA ALA A 436 -4.50 9.36 14.42
C ALA A 436 -5.74 9.89 13.70
N PHE A 437 -6.33 9.16 12.76
CA PHE A 437 -7.47 9.71 12.04
C PHE A 437 -8.66 9.97 12.96
N LEU A 438 -9.02 9.01 13.82
CA LEU A 438 -10.18 9.21 14.68
C LEU A 438 -9.92 10.21 15.80
N SER A 439 -8.68 10.26 16.30
CA SER A 439 -8.33 11.30 17.26
C SER A 439 -8.45 12.69 16.64
N MET A 440 -8.00 12.84 15.39
CA MET A 440 -8.17 14.09 14.67
C MET A 440 -9.63 14.40 14.40
N LEU A 441 -10.44 13.38 14.14
CA LEU A 441 -11.87 13.57 13.93
C LEU A 441 -12.54 14.11 15.18
N CYS A 442 -12.16 13.60 16.34
CA CYS A 442 -12.74 14.11 17.57
C CYS A 442 -12.24 15.53 17.87
N GLY A 443 -10.93 15.75 17.83
CA GLY A 443 -10.39 17.06 18.13
C GLY A 443 -10.87 18.13 17.16
N MET A 444 -10.87 17.81 15.88
CA MET A 444 -11.37 18.70 14.84
C MET A 444 -12.63 18.07 14.24
N ARG A 445 -13.78 18.72 14.43
CA ARG A 445 -15.05 18.09 14.06
C ARG A 445 -15.11 17.84 12.55
N SER A 446 -14.86 18.88 11.74
CA SER A 446 -14.83 18.67 10.30
C SER A 446 -13.54 19.18 9.66
N GLY A 447 -12.52 19.48 10.46
CA GLY A 447 -11.25 19.95 9.96
C GLY A 447 -10.30 18.90 9.43
N ILE A 448 -10.66 17.62 9.52
CA ILE A 448 -9.82 16.57 8.93
C ILE A 448 -9.71 16.76 7.41
N PHE A 449 -10.82 17.07 6.75
CA PHE A 449 -10.81 17.19 5.29
C PHE A 449 -10.09 18.45 4.83
N PHE A 450 -10.22 19.55 5.57
CA PHE A 450 -9.47 20.74 5.21
C PHE A 450 -7.97 20.57 5.50
N PHE A 451 -7.64 19.83 6.57
CA PHE A 451 -6.25 19.50 6.84
C PHE A 451 -5.65 18.69 5.70
N PHE A 452 -6.41 17.71 5.18
CA PHE A 452 -5.95 16.96 4.02
C PHE A 452 -5.88 17.85 2.77
N SER A 453 -6.83 18.80 2.65
CA SER A 453 -6.89 19.66 1.47
C SER A 453 -5.65 20.53 1.34
N GLY A 454 -5.16 21.07 2.47
CA GLY A 454 -3.92 21.82 2.43
C GLY A 454 -2.76 20.98 1.90
N TRP A 455 -2.69 19.73 2.34
CA TRP A 455 -1.65 18.83 1.83
C TRP A 455 -1.81 18.61 0.34
N ILE A 456 -3.05 18.46 -0.13
CA ILE A 456 -3.26 18.27 -1.56
C ILE A 456 -2.82 19.50 -2.34
N ILE A 457 -3.02 20.69 -1.77
CA ILE A 457 -2.59 21.93 -2.45
C ILE A 457 -1.07 21.95 -2.58
N VAL A 458 -0.36 21.63 -1.49
CA VAL A 458 1.09 21.63 -1.61
C VAL A 458 1.55 20.50 -2.52
N MET A 459 0.77 19.43 -2.62
CA MET A 459 1.06 18.36 -3.57
C MET A 459 1.02 18.89 -4.99
N GLY A 460 -0.04 19.66 -5.31
CA GLY A 460 -0.14 20.23 -6.64
C GLY A 460 1.04 21.12 -6.98
N LEU A 461 1.43 21.98 -6.03
CA LEU A 461 2.56 22.87 -6.31
C LEU A 461 3.87 22.09 -6.44
N PHE A 462 4.08 21.09 -5.57
CA PHE A 462 5.28 20.26 -5.64
C PHE A 462 5.34 19.52 -6.97
N ALA A 463 4.20 19.04 -7.45
CA ALA A 463 4.17 18.33 -8.72
C ALA A 463 4.43 19.28 -9.89
N PHE A 464 3.86 20.48 -9.84
CA PHE A 464 4.04 21.40 -10.96
C PHE A 464 5.46 21.93 -11.05
N PHE A 465 6.17 22.05 -9.93
CA PHE A 465 7.51 22.64 -9.96
C PHE A 465 8.66 21.65 -9.81
N PHE A 466 8.45 20.46 -9.25
CA PHE A 466 9.58 19.59 -8.92
C PHE A 466 9.54 18.17 -9.48
N ILE A 467 8.42 17.65 -9.94
CA ILE A 467 8.40 16.34 -10.61
C ILE A 467 8.30 16.59 -12.11
N PRO A 468 9.20 16.02 -12.91
CA PRO A 468 9.07 16.13 -14.37
C PRO A 468 8.33 14.95 -14.97
N GLU A 469 8.06 14.98 -16.27
CA GLU A 469 7.44 13.87 -16.96
C GLU A 469 8.54 12.90 -17.42
N THR A 470 8.49 11.68 -16.91
CA THR A 470 9.48 10.65 -17.22
C THR A 470 8.85 9.51 -18.02
N LYS A 471 8.00 9.88 -18.97
CA LYS A 471 7.33 8.90 -19.82
C LYS A 471 8.28 8.49 -20.95
N GLY A 472 8.69 7.22 -20.94
CA GLY A 472 9.50 6.68 -22.01
C GLY A 472 10.94 7.12 -22.02
N ILE A 473 11.54 7.33 -20.85
CA ILE A 473 12.92 7.77 -20.72
C ILE A 473 13.70 6.71 -19.98
N ALA A 474 14.79 6.25 -20.58
CA ALA A 474 15.57 5.16 -20.02
C ALA A 474 16.42 5.63 -18.85
N ILE A 475 16.92 4.67 -18.08
CA ILE A 475 17.67 4.99 -16.87
C ILE A 475 18.89 5.84 -17.20
N ASP A 476 19.62 5.47 -18.26
CA ASP A 476 20.79 6.26 -18.64
C ASP A 476 20.40 7.63 -19.19
N ASP A 477 19.18 7.79 -19.65
CA ASP A 477 18.69 9.07 -20.14
C ASP A 477 18.02 9.90 -19.05
N MET A 478 17.92 9.37 -17.82
CA MET A 478 17.40 10.18 -16.72
C MET A 478 18.33 11.33 -16.41
N ARG A 479 19.63 11.12 -16.46
CA ARG A 479 20.54 12.17 -16.04
C ARG A 479 20.81 13.19 -17.13
N GLU A 480 20.39 12.90 -18.37
CA GLU A 480 20.63 13.80 -19.49
C GLU A 480 19.41 14.64 -19.87
N SER A 481 18.22 14.04 -19.92
CA SER A 481 17.04 14.70 -20.45
C SER A 481 15.93 14.84 -19.41
N VAL A 482 16.24 14.65 -18.12
CA VAL A 482 15.27 14.77 -17.05
C VAL A 482 15.72 15.78 -16.00
N TRP A 483 16.92 15.60 -15.44
CA TRP A 483 17.39 16.45 -14.36
C TRP A 483 18.41 17.50 -14.77
N LYS A 484 19.10 17.34 -15.90
CA LYS A 484 19.87 18.46 -16.44
C LYS A 484 19.02 19.67 -16.79
N PRO A 485 17.95 19.55 -17.60
CA PRO A 485 17.21 20.77 -17.96
C PRO A 485 16.25 21.25 -16.88
N HIS A 486 16.24 20.59 -15.72
CA HIS A 486 15.36 21.00 -14.62
C HIS A 486 15.97 22.16 -13.85
N TRP A 487 15.11 23.09 -13.43
CA TRP A 487 15.57 24.31 -12.77
C TRP A 487 16.11 24.04 -11.37
N PHE A 488 15.54 23.08 -10.64
CA PHE A 488 15.94 22.88 -9.25
C PHE A 488 16.93 21.74 -9.05
N TRP A 489 16.88 20.69 -9.87
CA TRP A 489 17.80 19.56 -9.68
C TRP A 489 19.14 19.91 -10.31
N LYS A 490 20.02 20.39 -9.43
CA LYS A 490 21.35 20.87 -9.73
C LYS A 490 22.42 19.99 -9.07
N ARG A 491 22.03 18.78 -8.66
CA ARG A 491 22.89 17.87 -7.91
C ARG A 491 23.81 17.10 -8.85
N TYR A 492 24.68 17.83 -9.53
CA TYR A 492 25.64 17.19 -10.44
C TYR A 492 27.03 17.85 -10.35
C2 BGC B . -1.09 2.86 -0.12
C3 BGC B . -2.20 2.47 0.79
C4 BGC B . -3.56 2.76 0.22
C5 BGC B . -3.73 2.17 -1.19
C6 BGC B . -5.06 2.58 -1.75
C1 BGC B . -1.29 2.30 -1.53
O1 BGC B . -0.34 2.85 -2.32
O2 BGC B . 0.15 2.35 0.40
O3 BGC B . -2.06 3.18 2.04
O4 BGC B . -4.57 2.24 1.09
O5 BGC B . -2.65 2.60 -2.09
O6 BGC B . -5.15 2.19 -3.08
CAA Y01 C . -13.37 5.63 -13.05
CBA Y01 C . -14.73 5.43 -13.70
CAB Y01 C . -15.55 4.42 -12.94
CAN Y01 C . -14.62 5.04 -15.16
CAJ Y01 C . -13.68 5.90 -16.00
CAO Y01 C . -14.28 6.25 -17.36
CBB Y01 C . -14.47 7.75 -17.61
CAC Y01 C . -13.73 8.58 -16.56
CBE Y01 C . -14.18 8.12 -19.09
CAP Y01 C . -14.65 9.55 -19.44
CAQ Y01 C . -13.69 10.07 -20.52
CBG Y01 C . -12.99 8.81 -21.01
CBI Y01 C . -12.76 8.01 -19.71
CAE Y01 C . -11.63 8.67 -18.90
CAU Y01 C . -12.33 6.59 -20.15
CAS Y01 C . -11.16 6.58 -21.13
CBF Y01 C . -11.38 7.48 -22.35
CBD Y01 C . -11.77 8.90 -21.93
CAK Y01 C . -12.12 9.74 -23.15
CAI Y01 C . -11.27 9.44 -24.36
CAZ Y01 C . -10.43 8.43 -24.47
CAV Y01 C . -9.63 8.25 -25.74
CBH Y01 C . -10.19 7.43 -23.36
CAD Y01 C . -8.85 7.78 -22.66
CAT Y01 C . -10.11 6.00 -23.93
CAR Y01 C . -9.28 5.84 -25.21
CBC Y01 C . -9.77 6.82 -26.24
OAW Y01 C . -9.00 6.67 -27.49
CAY Y01 C . -9.58 5.95 -28.47
OAG Y01 C . -10.61 5.36 -28.34
CAM Y01 C . -8.77 6.01 -29.73
CAL Y01 C . -8.48 4.64 -30.32
CAX Y01 C . -7.50 3.85 -29.50
OAH Y01 C . -6.27 4.25 -29.66
OAF Y01 C . -7.82 2.93 -28.78
CAA Y01 D . -19.40 15.22 -10.24
CBA Y01 D . -19.65 16.71 -10.42
CAB Y01 D . -20.75 17.18 -9.47
CAN Y01 D . -18.35 17.52 -10.33
CAJ Y01 D . -17.04 16.69 -10.39
CAO Y01 D . -15.80 17.48 -9.96
CBB Y01 D . -14.40 16.93 -10.29
CAC Y01 D . -14.21 15.53 -9.71
CBE Y01 D . -14.03 17.04 -11.78
CAP Y01 D . -14.84 18.13 -12.48
CAQ Y01 D . -13.91 19.32 -12.43
CBG Y01 D . -12.72 18.60 -13.04
CBI Y01 D . -12.55 17.34 -12.17
CAE Y01 D . -11.70 17.67 -10.94
CAU Y01 D . -11.80 16.36 -13.08
CAS Y01 D . -10.46 16.96 -13.56
CBF Y01 D . -10.56 18.36 -14.19
CBD Y01 D . -11.42 19.31 -13.34
CAK Y01 D . -11.67 20.60 -14.11
CAI Y01 D . -10.43 21.12 -14.74
CAZ Y01 D . -9.32 20.42 -14.96
CAV Y01 D . -8.12 21.07 -15.61
CBH Y01 D . -9.18 18.97 -14.54
CAD Y01 D . -8.20 18.92 -13.35
CAT Y01 D . -8.59 18.18 -15.73
CAR Y01 D . -7.29 18.79 -16.24
CBC Y01 D . -7.52 20.21 -16.71
OAW Y01 D . -6.24 20.81 -17.09
CAY Y01 D . -5.32 21.08 -16.13
OAG Y01 D . -5.32 20.61 -15.02
CAM Y01 D . -4.31 22.07 -16.63
CAL Y01 D . -3.39 21.47 -17.67
CAX Y01 D . -2.43 20.47 -17.09
OAH Y01 D . -2.39 20.51 -15.79
OAF Y01 D . -1.76 19.71 -17.77
CAA Y01 E . -16.83 12.27 -13.81
CBA Y01 E . -16.31 13.32 -12.84
CAB Y01 E . -16.77 14.70 -13.26
CAN Y01 E . -14.81 13.27 -12.73
CAJ Y01 E . -14.07 13.77 -13.95
CAO Y01 E . -12.70 13.14 -14.10
CBB Y01 E . -12.43 12.49 -15.46
CAC Y01 E . -13.74 12.06 -16.13
CBE Y01 E . -11.57 13.39 -16.36
CAP Y01 E . -10.43 14.05 -15.56
CAQ Y01 E . -9.33 14.38 -16.58
CBG Y01 E . -9.85 13.88 -17.93
CBI Y01 E . -10.86 12.76 -17.57
CAE Y01 E . -10.13 11.47 -17.15
CAU Y01 E . -11.67 12.53 -18.84
CAS Y01 E . -10.76 12.06 -19.98
CBF Y01 E . -9.56 12.96 -20.27
CBD Y01 E . -8.84 13.44 -18.99
CAK Y01 E . -7.87 14.56 -19.35
CAI Y01 E . -7.04 14.20 -20.53
CAZ Y01 E . -7.31 13.22 -21.39
CAV Y01 E . -6.38 12.92 -22.54
CBH Y01 E . -8.54 12.33 -21.27
CAD Y01 E . -8.08 10.93 -20.79
CAT Y01 E . -9.21 12.19 -22.64
CAR Y01 E . -8.60 13.12 -23.70
CBC Y01 E . -7.12 12.86 -23.87
OAW Y01 E . -6.85 11.65 -24.69
CAY Y01 E . -6.02 10.66 -24.31
OAG Y01 E . -5.77 10.36 -23.17
CAM Y01 E . -5.47 9.94 -25.51
CAL Y01 E . -4.01 10.28 -25.80
CAX Y01 E . -3.76 11.73 -26.09
OAH Y01 E . -3.82 12.02 -27.37
OAF Y01 E . -3.51 12.55 -25.23
#